data_5UF2
#
_entry.id   5UF2
#
_cell.length_a   71.650
_cell.length_b   75.870
_cell.length_c   46.170
_cell.angle_alpha   90.000
_cell.angle_beta   90.000
_cell.angle_gamma   90.000
#
_symmetry.space_group_name_H-M   'P 21 21 2'
#
loop_
_entity.id
_entity.type
_entity.pdbx_description
1 polymer 'Ribose-5-phosphate isomerase A'
2 non-polymer 'SODIUM ION'
3 non-polymer 'PHOSPHATE ION'
4 non-polymer 2-[BIS-(2-HYDROXY-ETHYL)-AMINO]-2-HYDROXYMETHYL-PROPANE-1,3-DIOL
5 non-polymer 1,2-ETHANEDIOL
6 water water
#
_entity_poly.entity_id   1
_entity_poly.type   'polypeptide(L)'
_entity_poly.pdbx_seq_one_letter_code
;MAHHHHHHMTTQDELKRIAAEKAVEFVPENEYIGIGTGSTINFFIEALGKSGKKIKGAVSTSKKSGELLARYDIPVVSLN
EVSGLAVYIDGADEVNHALQMIKGGGGAHLNEKIVASASEKFVCIADESKYVSRLGKFPLPVEAVESARSLVSRKLLAMG
GQPELRIGYTTFYGNQIVDVHGLNIDQPLTMEDEINKITGVLENGIFARDAADVLILGTEEGAKVIYPCQG
;
_entity_poly.pdbx_strand_id   A
#
# COMPACT_ATOMS: atom_id res chain seq x y z
N HIS A 8 12.85 -3.68 -27.95
CA HIS A 8 11.71 -2.88 -27.51
C HIS A 8 11.85 -2.46 -26.05
N MET A 9 11.17 -1.39 -25.69
CA MET A 9 11.12 -0.96 -24.29
C MET A 9 10.40 -2.01 -23.46
N THR A 10 10.88 -2.22 -22.24
CA THR A 10 10.22 -3.13 -21.32
C THR A 10 8.86 -2.53 -20.93
N THR A 11 7.80 -3.32 -21.01
CA THR A 11 6.48 -2.81 -20.70
C THR A 11 6.33 -2.62 -19.19
N GLN A 12 5.30 -1.84 -18.81
CA GLN A 12 5.06 -1.61 -17.39
C GLN A 12 4.75 -2.91 -16.66
N ASP A 13 3.99 -3.81 -17.28
CA ASP A 13 3.71 -5.10 -16.65
C ASP A 13 4.99 -5.90 -16.46
N GLU A 14 5.90 -5.85 -17.44
CA GLU A 14 7.17 -6.55 -17.29
C GLU A 14 8.01 -5.95 -16.17
N LEU A 15 7.99 -4.61 -16.02
CA LEU A 15 8.68 -3.98 -14.90
C LEU A 15 8.08 -4.40 -13.57
N LYS A 16 6.75 -4.47 -13.49
CA LYS A 16 6.11 -4.95 -12.27
C LYS A 16 6.53 -6.38 -11.95
N ARG A 17 6.59 -7.25 -12.96
CA ARG A 17 6.98 -8.63 -12.73
C ARG A 17 8.42 -8.73 -12.24
N ILE A 18 9.30 -7.88 -12.78
CA ILE A 18 10.69 -7.88 -12.36
CA ILE A 18 10.70 -7.89 -12.36
C ILE A 18 10.80 -7.62 -10.86
N ALA A 19 10.09 -6.61 -10.38
CA ALA A 19 10.13 -6.27 -8.96
C ALA A 19 9.49 -7.37 -8.13
N ALA A 20 8.34 -7.88 -8.57
CA ALA A 20 7.64 -8.93 -7.82
C ALA A 20 8.49 -10.18 -7.66
N GLU A 21 9.15 -10.60 -8.75
CA GLU A 21 9.96 -11.82 -8.69
C GLU A 21 11.14 -11.66 -7.74
N LYS A 22 11.80 -10.51 -7.76
CA LYS A 22 12.92 -10.28 -6.86
C LYS A 22 12.49 -10.28 -5.41
N ALA A 23 11.29 -9.77 -5.12
CA ALA A 23 10.82 -9.67 -3.75
C ALA A 23 10.64 -11.03 -3.07
N VAL A 24 10.43 -12.10 -3.85
CA VAL A 24 10.30 -13.43 -3.26
C VAL A 24 11.49 -13.75 -2.36
N GLU A 25 12.68 -13.29 -2.77
CA GLU A 25 13.91 -13.57 -2.01
C GLU A 25 13.90 -12.96 -0.62
N PHE A 26 13.06 -11.95 -0.38
CA PHE A 26 12.98 -11.25 0.89
C PHE A 26 12.04 -11.93 1.88
N VAL A 27 11.31 -12.95 1.47
CA VAL A 27 10.26 -13.55 2.28
C VAL A 27 10.87 -14.71 3.08
N PRO A 28 10.86 -14.66 4.41
CA PRO A 28 11.36 -15.80 5.19
C PRO A 28 10.37 -16.95 5.15
N GLU A 29 10.90 -18.17 5.16
CA GLU A 29 10.05 -19.36 5.22
C GLU A 29 9.56 -19.62 6.64
N ASN A 30 8.42 -20.31 6.72
CA ASN A 30 7.86 -20.77 7.99
C ASN A 30 7.54 -19.63 8.95
N GLU A 31 7.12 -18.48 8.40
CA GLU A 31 6.72 -17.34 9.20
C GLU A 31 5.36 -16.84 8.74
N TYR A 32 4.70 -16.07 9.61
CA TYR A 32 3.50 -15.35 9.21
C TYR A 32 3.91 -14.07 8.48
N ILE A 33 3.25 -13.81 7.36
CA ILE A 33 3.58 -12.65 6.52
C ILE A 33 2.30 -11.93 6.14
N GLY A 34 2.44 -10.66 5.77
CA GLY A 34 1.32 -9.84 5.31
C GLY A 34 1.42 -9.55 3.83
N ILE A 35 0.27 -9.55 3.15
CA ILE A 35 0.19 -9.46 1.69
C ILE A 35 -0.66 -8.24 1.32
N GLY A 36 -0.07 -7.34 0.53
CA GLY A 36 -0.75 -6.14 0.06
C GLY A 36 -1.78 -6.37 -1.03
N THR A 37 -2.01 -5.34 -1.85
CA THR A 37 -3.08 -5.34 -2.84
C THR A 37 -2.61 -4.58 -4.06
N GLY A 38 -3.06 -5.01 -5.24
CA GLY A 38 -2.83 -4.31 -6.50
C GLY A 38 -2.18 -5.20 -7.54
N SER A 39 -2.03 -4.65 -8.73
CA SER A 39 -1.55 -5.44 -9.87
C SER A 39 -0.11 -5.91 -9.68
N THR A 40 0.75 -5.09 -9.08
CA THR A 40 2.13 -5.52 -8.81
C THR A 40 2.12 -6.66 -7.79
N ILE A 41 1.32 -6.52 -6.73
CA ILE A 41 1.16 -7.58 -5.75
C ILE A 41 0.63 -8.86 -6.38
N ASN A 42 -0.28 -8.75 -7.36
CA ASN A 42 -0.84 -9.95 -7.96
C ASN A 42 0.24 -10.78 -8.64
N PHE A 43 1.21 -10.11 -9.29
CA PHE A 43 2.35 -10.82 -9.85
C PHE A 43 3.20 -11.44 -8.75
N PHE A 44 3.33 -10.74 -7.63
CA PHE A 44 4.11 -11.26 -6.50
C PHE A 44 3.48 -12.51 -5.90
N ILE A 45 2.14 -12.51 -5.72
CA ILE A 45 1.48 -13.68 -5.15
C ILE A 45 1.73 -14.91 -6.03
N GLU A 46 1.60 -14.75 -7.34
CA GLU A 46 1.92 -15.83 -8.29
C GLU A 46 3.36 -16.29 -8.13
N ALA A 47 4.31 -15.34 -8.10
CA ALA A 47 5.72 -15.72 -8.00
C ALA A 47 6.00 -16.42 -6.68
N LEU A 48 5.39 -15.95 -5.59
CA LEU A 48 5.60 -16.59 -4.29
C LEU A 48 5.05 -18.01 -4.28
N GLY A 49 3.87 -18.21 -4.86
CA GLY A 49 3.32 -19.55 -4.95
C GLY A 49 4.19 -20.48 -5.78
N LYS A 50 4.71 -19.99 -6.91
CA LYS A 50 5.53 -20.81 -7.78
CA LYS A 50 5.52 -20.82 -7.78
C LYS A 50 6.88 -21.14 -7.17
N SER A 51 7.34 -20.35 -6.18
CA SER A 51 8.69 -20.53 -5.64
C SER A 51 8.85 -21.81 -4.84
N GLY A 52 7.78 -22.36 -4.30
CA GLY A 52 7.88 -23.51 -3.42
C GLY A 52 8.21 -23.20 -1.98
N LYS A 53 8.35 -21.92 -1.62
CA LYS A 53 8.66 -21.56 -0.24
CA LYS A 53 8.66 -21.57 -0.23
C LYS A 53 7.52 -21.97 0.70
N LYS A 54 7.89 -22.51 1.86
CA LYS A 54 6.91 -22.87 2.88
C LYS A 54 6.50 -21.61 3.63
N ILE A 55 5.22 -21.28 3.58
CA ILE A 55 4.67 -20.09 4.24
C ILE A 55 3.80 -20.58 5.39
N LYS A 56 4.06 -20.08 6.60
CA LYS A 56 3.25 -20.52 7.74
C LYS A 56 1.82 -20.03 7.61
N GLY A 57 1.64 -18.77 7.24
CA GLY A 57 0.33 -18.21 7.02
C GLY A 57 0.45 -16.79 6.51
N ALA A 58 -0.47 -16.38 5.64
CA ALA A 58 -0.46 -15.04 5.07
C ALA A 58 -1.73 -14.29 5.47
N VAL A 59 -1.58 -13.03 5.87
CA VAL A 59 -2.69 -12.14 6.16
C VAL A 59 -2.96 -11.30 4.92
N SER A 60 -4.22 -11.27 4.49
CA SER A 60 -4.65 -10.58 3.28
C SER A 60 -5.15 -9.17 3.58
N THR A 61 -5.04 -8.29 2.59
CA THR A 61 -5.52 -6.91 2.69
C THR A 61 -6.68 -6.59 1.77
N SER A 62 -7.17 -7.55 0.98
CA SER A 62 -8.31 -7.31 0.09
C SER A 62 -8.93 -8.64 -0.30
N LYS A 63 -10.19 -8.58 -0.76
CA LYS A 63 -10.84 -9.77 -1.29
C LYS A 63 -10.03 -10.40 -2.42
N LYS A 64 -9.56 -9.57 -3.37
CA LYS A 64 -8.80 -10.09 -4.50
C LYS A 64 -7.50 -10.75 -4.06
N SER A 65 -6.75 -10.10 -3.16
CA SER A 65 -5.52 -10.71 -2.71
C SER A 65 -5.78 -12.04 -2.01
N GLY A 66 -6.85 -12.11 -1.22
CA GLY A 66 -7.17 -13.37 -0.56
C GLY A 66 -7.53 -14.47 -1.55
N GLU A 67 -8.22 -14.11 -2.63
CA GLU A 67 -8.57 -15.09 -3.65
C GLU A 67 -7.34 -15.60 -4.37
N LEU A 68 -6.39 -14.72 -4.67
CA LEU A 68 -5.16 -15.16 -5.34
C LEU A 68 -4.29 -16.00 -4.43
N LEU A 69 -4.21 -15.65 -3.14
CA LEU A 69 -3.47 -16.50 -2.21
C LEU A 69 -4.02 -17.92 -2.20
N ALA A 70 -5.35 -18.04 -2.19
CA ALA A 70 -5.96 -19.37 -2.25
C ALA A 70 -5.67 -20.07 -3.57
N ARG A 71 -5.75 -19.33 -4.69
CA ARG A 71 -5.46 -19.91 -6.00
C ARG A 71 -4.05 -20.49 -6.05
N TYR A 72 -3.10 -19.83 -5.39
CA TYR A 72 -1.70 -20.26 -5.40
C TYR A 72 -1.32 -21.10 -4.18
N ASP A 73 -2.32 -21.60 -3.45
CA ASP A 73 -2.11 -22.57 -2.38
CA ASP A 73 -2.09 -22.59 -2.39
C ASP A 73 -1.27 -22.01 -1.24
N ILE A 74 -1.43 -20.73 -0.94
CA ILE A 74 -0.74 -20.09 0.18
C ILE A 74 -1.74 -19.99 1.32
N PRO A 75 -1.47 -20.58 2.50
CA PRO A 75 -2.48 -20.56 3.57
C PRO A 75 -2.75 -19.15 4.07
N VAL A 76 -4.04 -18.86 4.28
CA VAL A 76 -4.49 -17.54 4.72
C VAL A 76 -4.97 -17.63 6.16
N VAL A 77 -4.58 -16.64 6.96
CA VAL A 77 -5.01 -16.55 8.35
CA VAL A 77 -4.95 -16.53 8.37
C VAL A 77 -5.51 -15.14 8.62
N SER A 78 -6.40 -15.03 9.61
CA SER A 78 -6.87 -13.72 10.05
C SER A 78 -5.76 -13.04 10.84
N LEU A 79 -5.66 -11.72 10.68
CA LEU A 79 -4.72 -10.95 11.49
C LEU A 79 -4.94 -11.18 12.99
N ASN A 80 -6.18 -11.46 13.40
CA ASN A 80 -6.47 -11.65 14.81
C ASN A 80 -5.82 -12.91 15.38
N GLU A 81 -5.38 -13.84 14.53
CA GLU A 81 -4.79 -15.09 14.98
C GLU A 81 -3.31 -15.00 15.28
N VAL A 82 -2.67 -13.86 14.96
CA VAL A 82 -1.22 -13.72 15.12
C VAL A 82 -0.91 -12.52 16.01
N SER A 83 0.27 -12.56 16.61
CA SER A 83 0.75 -11.46 17.44
C SER A 83 1.57 -10.46 16.65
N GLY A 84 1.81 -10.74 15.37
CA GLY A 84 2.65 -9.91 14.53
C GLY A 84 3.03 -10.67 13.28
N LEU A 85 3.60 -9.95 12.33
CA LEU A 85 4.02 -10.50 11.05
C LEU A 85 5.49 -10.21 10.82
N ALA A 86 6.21 -11.19 10.25
CA ALA A 86 7.63 -11.01 10.00
C ALA A 86 7.90 -9.98 8.91
N VAL A 87 7.10 -9.99 7.85
CA VAL A 87 7.29 -9.06 6.75
CA VAL A 87 7.31 -9.11 6.69
C VAL A 87 5.94 -8.79 6.09
N TYR A 88 5.79 -7.56 5.61
CA TYR A 88 4.64 -7.10 4.83
C TYR A 88 5.17 -6.72 3.46
N ILE A 89 4.53 -7.18 2.39
CA ILE A 89 4.92 -6.86 1.02
C ILE A 89 3.74 -6.15 0.35
N ASP A 90 3.99 -4.99 -0.26
CA ASP A 90 2.90 -4.24 -0.88
C ASP A 90 3.46 -3.28 -1.92
N GLY A 91 2.56 -2.75 -2.75
CA GLY A 91 2.91 -1.74 -3.73
C GLY A 91 2.68 -0.32 -3.21
N ALA A 92 2.78 0.64 -4.14
CA ALA A 92 2.60 2.05 -3.80
C ALA A 92 2.16 2.79 -5.05
N ASP A 93 1.29 3.79 -4.86
CA ASP A 93 0.97 4.68 -5.98
C ASP A 93 2.09 5.67 -6.21
N GLU A 94 2.71 6.14 -5.13
CA GLU A 94 3.94 6.93 -5.18
C GLU A 94 4.82 6.48 -4.02
N VAL A 95 6.13 6.53 -4.23
CA VAL A 95 7.10 6.28 -3.18
C VAL A 95 8.24 7.26 -3.36
N ASN A 96 8.58 8.00 -2.29
CA ASN A 96 9.63 9.02 -2.37
C ASN A 96 10.99 8.44 -1.96
N HIS A 97 12.00 9.29 -1.86
CA HIS A 97 13.34 8.80 -1.57
C HIS A 97 13.52 8.35 -0.13
N ALA A 98 12.67 8.79 0.78
CA ALA A 98 12.65 8.28 2.15
C ALA A 98 11.80 7.02 2.27
N LEU A 99 11.21 6.57 1.16
CA LEU A 99 10.32 5.42 1.10
C LEU A 99 9.00 5.66 1.82
N GLN A 100 8.66 6.93 2.06
CA GLN A 100 7.29 7.28 2.37
C GLN A 100 6.43 7.14 1.12
N MET A 101 5.16 6.77 1.31
CA MET A 101 4.33 6.41 0.17
C MET A 101 2.96 7.09 0.20
N ILE A 102 2.38 7.23 -0.99
CA ILE A 102 0.94 7.44 -1.17
CA ILE A 102 0.94 7.44 -1.15
C ILE A 102 0.36 6.13 -1.66
N LYS A 103 -0.70 5.67 -1.01
CA LYS A 103 -1.33 4.39 -1.31
C LYS A 103 -2.84 4.56 -1.30
N GLY A 104 -3.52 3.55 -1.85
CA GLY A 104 -4.96 3.51 -1.86
C GLY A 104 -5.62 3.74 -3.20
N GLY A 105 -4.84 3.84 -4.29
CA GLY A 105 -5.44 3.99 -5.60
C GLY A 105 -6.46 2.89 -5.90
N GLY A 106 -6.21 1.68 -5.40
CA GLY A 106 -7.09 0.54 -5.56
C GLY A 106 -8.14 0.38 -4.48
N GLY A 107 -8.19 1.29 -3.52
CA GLY A 107 -9.26 1.31 -2.54
C GLY A 107 -8.96 0.65 -1.21
N ALA A 108 -7.76 0.07 -1.03
CA ALA A 108 -7.47 -0.82 0.09
C ALA A 108 -6.54 -0.21 1.15
N HIS A 109 -6.38 1.12 1.19
CA HIS A 109 -5.36 1.68 2.08
C HIS A 109 -5.63 1.44 3.57
N LEU A 110 -6.90 1.30 3.98
CA LEU A 110 -7.16 1.06 5.40
CA LEU A 110 -7.19 1.06 5.40
C LEU A 110 -6.64 -0.30 5.83
N ASN A 111 -7.05 -1.37 5.14
CA ASN A 111 -6.52 -2.69 5.47
C ASN A 111 -5.01 -2.76 5.28
N GLU A 112 -4.48 -2.08 4.25
CA GLU A 112 -3.04 -2.10 4.04
C GLU A 112 -2.30 -1.48 5.22
N LYS A 113 -2.78 -0.35 5.74
CA LYS A 113 -2.07 0.27 6.86
C LYS A 113 -2.20 -0.55 8.13
N ILE A 114 -3.37 -1.16 8.36
CA ILE A 114 -3.54 -2.06 9.51
C ILE A 114 -2.50 -3.17 9.48
N VAL A 115 -2.41 -3.89 8.36
CA VAL A 115 -1.51 -5.04 8.28
C VAL A 115 -0.06 -4.58 8.33
N ALA A 116 0.27 -3.48 7.62
CA ALA A 116 1.63 -2.93 7.72
C ALA A 116 2.01 -2.62 9.17
N SER A 117 1.08 -2.04 9.93
CA SER A 117 1.39 -1.64 11.29
C SER A 117 1.61 -2.82 12.22
N ALA A 118 1.21 -4.03 11.81
CA ALA A 118 1.42 -5.25 12.58
C ALA A 118 2.68 -5.99 12.18
N SER A 119 3.49 -5.42 11.27
CA SER A 119 4.59 -6.13 10.63
C SER A 119 5.94 -5.57 11.06
N GLU A 120 6.96 -6.45 11.06
CA GLU A 120 8.29 -6.05 11.49
C GLU A 120 9.11 -5.41 10.39
N LYS A 121 8.73 -5.61 9.13
CA LYS A 121 9.45 -5.07 7.99
C LYS A 121 8.43 -4.87 6.88
N PHE A 122 8.60 -3.79 6.11
CA PHE A 122 7.75 -3.46 4.97
C PHE A 122 8.63 -3.44 3.73
N VAL A 123 8.38 -4.37 2.80
CA VAL A 123 9.03 -4.39 1.49
C VAL A 123 8.04 -3.81 0.47
N CYS A 124 8.41 -2.70 -0.16
CA CYS A 124 7.60 -2.11 -1.23
C CYS A 124 8.08 -2.61 -2.59
N ILE A 125 7.14 -3.02 -3.43
CA ILE A 125 7.43 -3.48 -4.79
C ILE A 125 6.74 -2.55 -5.78
N ALA A 126 7.48 -2.08 -6.80
CA ALA A 126 6.93 -1.08 -7.70
C ALA A 126 7.71 -1.06 -9.00
N ASP A 127 7.02 -0.69 -10.08
CA ASP A 127 7.72 -0.32 -11.31
C ASP A 127 8.29 1.10 -11.17
N GLU A 128 9.24 1.43 -12.06
CA GLU A 128 10.01 2.66 -11.94
C GLU A 128 9.15 3.91 -11.88
N SER A 129 7.95 3.89 -12.48
CA SER A 129 7.13 5.10 -12.53
C SER A 129 6.62 5.55 -11.17
N LYS A 130 6.68 4.69 -10.15
CA LYS A 130 6.17 5.06 -8.83
C LYS A 130 7.16 5.88 -8.00
N TYR A 131 8.44 5.87 -8.37
CA TYR A 131 9.50 6.48 -7.56
C TYR A 131 9.58 7.95 -7.92
N VAL A 132 9.27 8.82 -6.94
CA VAL A 132 9.17 10.26 -7.16
C VAL A 132 10.02 11.02 -6.15
N SER A 133 10.36 12.26 -6.52
CA SER A 133 11.07 13.14 -5.60
C SER A 133 10.13 13.72 -4.54
N ARG A 134 8.91 14.08 -4.91
CA ARG A 134 7.95 14.67 -4.00
C ARG A 134 6.65 13.89 -4.10
N LEU A 135 6.08 13.55 -2.95
CA LEU A 135 4.72 13.00 -2.93
C LEU A 135 3.71 14.10 -3.18
N GLY A 136 2.64 13.77 -3.91
CA GLY A 136 1.53 14.69 -4.01
C GLY A 136 0.80 14.77 -5.33
N LYS A 137 1.45 14.42 -6.44
CA LYS A 137 0.77 14.50 -7.73
C LYS A 137 -0.38 13.51 -7.82
N PHE A 138 -0.17 12.30 -7.32
CA PHE A 138 -1.24 11.30 -7.27
C PHE A 138 -2.26 11.72 -6.21
N PRO A 139 -3.55 11.76 -6.54
CA PRO A 139 -4.54 12.22 -5.55
C PRO A 139 -4.56 11.32 -4.32
N LEU A 140 -4.76 11.95 -3.15
CA LEU A 140 -4.63 11.24 -1.88
C LEU A 140 -5.95 10.59 -1.48
N PRO A 141 -6.00 9.26 -1.34
CA PRO A 141 -7.26 8.63 -0.88
C PRO A 141 -7.50 8.83 0.61
N VAL A 142 -8.74 9.16 0.95
CA VAL A 142 -9.17 9.29 2.34
C VAL A 142 -10.45 8.47 2.49
N GLU A 143 -10.46 7.52 3.44
CA GLU A 143 -11.66 6.74 3.68
C GLU A 143 -12.49 7.41 4.77
N ALA A 144 -13.79 7.56 4.53
CA ALA A 144 -14.69 8.23 5.47
C ALA A 144 -16.03 7.50 5.52
N VAL A 145 -16.68 7.54 6.68
CA VAL A 145 -18.03 6.97 6.74
C VAL A 145 -18.99 7.84 5.95
N GLU A 146 -20.05 7.19 5.46
CA GLU A 146 -20.92 7.82 4.47
C GLU A 146 -21.55 9.10 5.01
N SER A 147 -21.98 9.09 6.28
CA SER A 147 -22.70 10.25 6.83
C SER A 147 -21.77 11.44 7.06
N ALA A 148 -20.47 11.24 6.97
CA ALA A 148 -19.49 12.30 7.17
C ALA A 148 -18.93 12.83 5.86
N ARG A 149 -19.45 12.40 4.71
CA ARG A 149 -18.85 12.77 3.42
C ARG A 149 -18.72 14.27 3.25
N SER A 150 -19.82 15.01 3.39
CA SER A 150 -19.76 16.46 3.17
C SER A 150 -18.90 17.16 4.20
N LEU A 151 -19.00 16.71 5.46
CA LEU A 151 -18.23 17.28 6.56
C LEU A 151 -16.73 17.09 6.32
N VAL A 152 -16.30 15.85 6.06
CA VAL A 152 -14.90 15.57 5.79
CA VAL A 152 -14.88 15.62 5.83
C VAL A 152 -14.40 16.37 4.59
N SER A 153 -15.25 16.50 3.57
CA SER A 153 -14.87 17.25 2.37
C SER A 153 -14.63 18.72 2.70
N ARG A 154 -15.49 19.33 3.53
CA ARG A 154 -15.25 20.71 3.93
C ARG A 154 -13.93 20.85 4.67
N LYS A 155 -13.65 19.90 5.56
CA LYS A 155 -12.42 19.96 6.34
C LYS A 155 -11.17 19.76 5.47
N LEU A 156 -11.25 18.86 4.49
CA LEU A 156 -10.12 18.66 3.58
C LEU A 156 -9.92 19.88 2.69
N LEU A 157 -11.01 20.48 2.23
CA LEU A 157 -10.91 21.71 1.44
C LEU A 157 -10.26 22.82 2.25
N ALA A 158 -10.64 22.96 3.53
CA ALA A 158 -10.02 23.98 4.37
C ALA A 158 -8.53 23.75 4.54
N MET A 159 -8.11 22.48 4.54
CA MET A 159 -6.67 22.21 4.58
CA MET A 159 -6.67 22.18 4.57
C MET A 159 -5.98 22.64 3.29
N GLY A 160 -6.71 22.70 2.18
CA GLY A 160 -6.16 23.22 0.95
C GLY A 160 -6.36 22.39 -0.29
N GLY A 161 -6.76 21.12 -0.11
CA GLY A 161 -6.93 20.24 -1.26
C GLY A 161 -8.32 20.27 -1.83
N GLN A 162 -8.45 19.72 -3.04
CA GLN A 162 -9.74 19.65 -3.71
C GLN A 162 -10.33 18.26 -3.52
N PRO A 163 -11.37 18.10 -2.71
CA PRO A 163 -11.91 16.75 -2.46
C PRO A 163 -12.85 16.30 -3.56
N GLU A 164 -12.73 15.04 -3.95
CA GLU A 164 -13.57 14.44 -4.98
C GLU A 164 -14.02 13.06 -4.54
N LEU A 165 -15.33 12.89 -4.35
CA LEU A 165 -15.86 11.58 -4.02
C LEU A 165 -15.51 10.58 -5.11
N ARG A 166 -15.06 9.39 -4.69
CA ARG A 166 -14.84 8.29 -5.63
C ARG A 166 -16.20 7.70 -5.96
N ILE A 167 -16.77 8.15 -7.09
CA ILE A 167 -18.15 7.91 -7.44
C ILE A 167 -18.43 6.42 -7.55
N GLY A 168 -19.48 5.96 -6.87
CA GLY A 168 -19.95 4.60 -6.98
C GLY A 168 -19.13 3.56 -6.24
N TYR A 169 -18.09 3.94 -5.52
CA TYR A 169 -17.21 2.98 -4.89
C TYR A 169 -17.57 2.79 -3.42
N THR A 170 -17.58 1.53 -2.97
CA THR A 170 -17.76 1.16 -1.57
C THR A 170 -16.54 0.39 -1.12
N THR A 171 -15.95 0.79 0.01
CA THR A 171 -14.74 0.14 0.46
C THR A 171 -15.05 -1.22 1.10
N PHE A 172 -13.97 -1.95 1.42
CA PHE A 172 -14.10 -3.26 2.05
C PHE A 172 -15.00 -3.22 3.27
N TYR A 173 -14.82 -2.21 4.12
CA TYR A 173 -15.60 -2.09 5.33
C TYR A 173 -16.89 -1.27 5.14
N GLY A 174 -17.28 -0.99 3.90
CA GLY A 174 -18.59 -0.43 3.61
C GLY A 174 -18.65 1.08 3.51
N ASN A 175 -17.51 1.76 3.44
CA ASN A 175 -17.44 3.20 3.54
C ASN A 175 -17.15 3.81 2.18
N GLN A 176 -16.85 5.11 2.17
CA GLN A 176 -16.56 5.83 0.93
C GLN A 176 -15.12 6.30 0.91
N ILE A 177 -14.63 6.63 -0.29
CA ILE A 177 -13.34 7.26 -0.47
CA ILE A 177 -13.33 7.25 -0.49
C ILE A 177 -13.54 8.64 -1.06
N VAL A 178 -12.88 9.63 -0.47
CA VAL A 178 -12.74 10.96 -1.04
C VAL A 178 -11.27 11.09 -1.44
N ASP A 179 -11.02 11.31 -2.73
CA ASP A 179 -9.66 11.51 -3.23
C ASP A 179 -9.38 13.00 -3.27
N VAL A 180 -8.25 13.41 -2.71
CA VAL A 180 -7.93 14.83 -2.52
C VAL A 180 -6.83 15.24 -3.48
N HIS A 181 -7.15 16.20 -4.34
CA HIS A 181 -6.24 16.68 -5.37
C HIS A 181 -5.52 17.95 -4.94
N GLY A 182 -4.28 18.11 -5.40
CA GLY A 182 -3.60 19.38 -5.29
C GLY A 182 -2.96 19.69 -3.95
N LEU A 183 -2.80 18.71 -3.08
CA LEU A 183 -2.17 18.95 -1.80
C LEU A 183 -0.68 19.23 -1.98
N ASN A 184 -0.19 20.20 -1.20
CA ASN A 184 1.25 20.39 -1.02
C ASN A 184 1.61 19.67 0.26
N ILE A 185 2.44 18.64 0.15
CA ILE A 185 2.79 17.80 1.29
C ILE A 185 4.22 18.17 1.68
N ASP A 186 4.34 19.19 2.53
N ASP A 186 4.37 19.16 2.55
CA ASP A 186 5.64 19.59 3.09
CA ASP A 186 5.72 19.50 2.98
C ASP A 186 6.19 18.50 4.00
C ASP A 186 6.22 18.61 4.11
N GLN A 187 5.32 17.95 4.84
CA GLN A 187 5.72 17.10 5.96
C GLN A 187 4.76 15.91 5.96
N PRO A 188 5.12 14.82 5.26
CA PRO A 188 4.17 13.69 5.16
C PRO A 188 3.63 13.17 6.48
N LEU A 189 4.47 13.02 7.52
CA LEU A 189 3.95 12.53 8.80
C LEU A 189 2.96 13.51 9.43
N THR A 190 3.26 14.80 9.37
CA THR A 190 2.35 15.80 9.93
C THR A 190 1.00 15.76 9.21
N MET A 191 1.01 15.64 7.88
CA MET A 191 -0.23 15.60 7.12
CA MET A 191 -0.26 15.62 7.16
C MET A 191 -0.99 14.31 7.39
N GLU A 192 -0.29 13.18 7.48
CA GLU A 192 -0.92 11.91 7.82
C GLU A 192 -1.72 12.05 9.11
N ASP A 193 -1.10 12.64 10.13
CA ASP A 193 -1.77 12.75 11.43
C ASP A 193 -2.86 13.81 11.41
N GLU A 194 -2.64 14.93 10.70
CA GLU A 194 -3.64 15.99 10.68
CA GLU A 194 -3.66 15.98 10.70
C GLU A 194 -4.93 15.54 9.99
N ILE A 195 -4.79 14.83 8.86
CA ILE A 195 -5.99 14.33 8.19
C ILE A 195 -6.74 13.35 9.08
N ASN A 196 -6.00 12.49 9.78
CA ASN A 196 -6.66 11.53 10.67
C ASN A 196 -7.32 12.19 11.86
N LYS A 197 -6.98 13.44 12.19
CA LYS A 197 -7.69 14.12 13.26
C LYS A 197 -9.07 14.59 12.85
N ILE A 198 -9.43 14.51 11.57
CA ILE A 198 -10.78 14.88 11.13
C ILE A 198 -11.74 13.78 11.56
N THR A 199 -12.73 14.13 12.39
CA THR A 199 -13.71 13.14 12.80
C THR A 199 -14.60 12.76 11.63
N GLY A 200 -14.76 11.46 11.42
CA GLY A 200 -15.40 10.91 10.24
C GLY A 200 -14.42 10.28 9.28
N VAL A 201 -13.15 10.67 9.31
CA VAL A 201 -12.10 10.01 8.56
C VAL A 201 -11.70 8.75 9.30
N LEU A 202 -11.59 7.64 8.57
CA LEU A 202 -11.10 6.40 9.16
CA LEU A 202 -11.12 6.36 9.12
C LEU A 202 -9.62 6.17 8.92
N GLU A 203 -9.09 6.60 7.78
CA GLU A 203 -7.68 6.41 7.47
C GLU A 203 -7.40 7.18 6.18
N ASN A 204 -6.14 7.56 5.99
CA ASN A 204 -5.71 8.20 4.76
C ASN A 204 -4.53 7.46 4.16
N GLY A 205 -4.28 7.71 2.87
CA GLY A 205 -3.28 6.98 2.13
C GLY A 205 -1.85 7.45 2.26
N ILE A 206 -1.53 8.39 3.15
CA ILE A 206 -0.12 8.72 3.39
C ILE A 206 0.46 7.66 4.31
N PHE A 207 1.50 6.98 3.85
CA PHE A 207 2.25 6.02 4.65
C PHE A 207 3.58 6.69 4.99
N ALA A 208 3.58 7.48 6.06
CA ALA A 208 4.80 8.06 6.61
C ALA A 208 5.23 7.34 7.88
N ARG A 209 4.30 7.15 8.82
CA ARG A 209 4.62 6.34 10.00
C ARG A 209 4.97 4.92 9.59
N ASP A 210 4.27 4.38 8.59
CA ASP A 210 4.55 3.05 8.07
C ASP A 210 5.26 3.12 6.72
N ALA A 211 6.30 3.96 6.65
CA ALA A 211 7.13 4.02 5.46
C ALA A 211 7.80 2.66 5.23
N ALA A 212 8.12 2.38 3.97
CA ALA A 212 8.76 1.11 3.67
C ALA A 212 10.18 1.08 4.23
N ASP A 213 10.64 -0.14 4.56
CA ASP A 213 12.02 -0.33 4.97
C ASP A 213 12.96 -0.51 3.79
N VAL A 214 12.44 -1.06 2.68
CA VAL A 214 13.23 -1.30 1.48
C VAL A 214 12.27 -1.27 0.30
N LEU A 215 12.78 -0.83 -0.85
CA LEU A 215 12.01 -0.72 -2.08
C LEU A 215 12.69 -1.56 -3.15
N ILE A 216 11.90 -2.36 -3.86
CA ILE A 216 12.36 -3.12 -5.00
CA ILE A 216 12.35 -3.14 -5.00
C ILE A 216 11.71 -2.50 -6.23
N LEU A 217 12.52 -1.90 -7.08
CA LEU A 217 12.03 -1.11 -8.20
C LEU A 217 12.36 -1.82 -9.51
N GLY A 218 11.33 -2.11 -10.30
CA GLY A 218 11.54 -2.70 -11.62
C GLY A 218 11.92 -1.65 -12.65
N THR A 219 13.10 -1.81 -13.24
CA THR A 219 13.65 -0.86 -14.21
C THR A 219 14.16 -1.61 -15.43
N GLU A 220 14.55 -0.85 -16.45
CA GLU A 220 15.14 -1.46 -17.65
C GLU A 220 16.41 -2.23 -17.32
N GLU A 221 17.16 -1.82 -16.30
CA GLU A 221 18.38 -2.52 -15.91
C GLU A 221 18.13 -3.63 -14.91
N GLY A 222 16.88 -4.04 -14.72
CA GLY A 222 16.55 -5.09 -13.77
C GLY A 222 15.95 -4.52 -12.50
N ALA A 223 15.89 -5.38 -11.48
CA ALA A 223 15.33 -5.01 -10.19
C ALA A 223 16.38 -4.27 -9.37
N LYS A 224 16.10 -3.03 -9.02
CA LYS A 224 16.98 -2.24 -8.18
C LYS A 224 16.48 -2.31 -6.74
N VAL A 225 17.41 -2.52 -5.81
CA VAL A 225 17.10 -2.51 -4.38
C VAL A 225 17.49 -1.15 -3.84
N ILE A 226 16.56 -0.50 -3.14
CA ILE A 226 16.74 0.89 -2.71
C ILE A 226 16.34 1.00 -1.25
N TYR A 227 17.27 1.46 -0.41
CA TYR A 227 16.99 1.77 0.99
C TYR A 227 16.71 3.27 1.15
N PRO A 228 16.12 3.70 2.26
CA PRO A 228 15.83 5.13 2.43
C PRO A 228 17.09 5.98 2.30
N CYS A 229 16.94 7.13 1.65
CA CYS A 229 18.06 8.02 1.44
CA CYS A 229 18.06 8.03 1.43
C CYS A 229 18.64 8.47 2.77
N GLN A 230 19.96 8.64 2.81
CA GLN A 230 20.64 9.05 4.03
C GLN A 230 20.74 10.57 4.10
#